data_3UHP
#
_entry.id   3UHP
#
_cell.length_a   50.285
_cell.length_b   50.285
_cell.length_c   182.044
_cell.angle_alpha   90.00
_cell.angle_beta   90.00
_cell.angle_gamma   120.00
#
_symmetry.space_group_name_H-M   'P 31'
#
loop_
_entity.id
_entity.type
_entity.pdbx_description
1 polymer 'Glutamate racemase'
2 water water
#
_entity_poly.entity_id   1
_entity_poly.type   'polypeptide(L)'
_entity_poly.pdbx_seq_one_letter_code
;MHHHHHHSSGVDLGTENLYFQSNAMKIGVFDSGVGGLSVLKSLYEARLFDEIIYYGDTARVPYGVKDKDTIIKFCLEALD
FFEQFQIDMLIIACNTASAYALDALRAKAHFPVYGVIDAGVEATIKALHDKNKEILVIATKATIKSEEYQKRLLSQGYTN
INALATGLFVPMVEEGIFEGDFLQSAMEYYFKNITTPDALILACTHFPLLGRSLSKYFGDKTKLIHSGDAIVEFLKEREN
IDLKNHKAKLHFYASSDVESLKNTAKIWLNLLRK
;
_entity_poly.pdbx_strand_id   A,B
#
# COMPACT_ATOMS: atom_id res chain seq x y z
N PHE A 20 -4.36 -36.86 -14.65
CA PHE A 20 -5.36 -37.07 -13.62
C PHE A 20 -6.65 -36.35 -13.98
N GLN A 21 -7.72 -37.13 -14.13
CA GLN A 21 -9.05 -36.55 -14.23
C GLN A 21 -10.08 -37.39 -13.47
N SER A 22 -10.93 -36.70 -12.72
CA SER A 22 -12.01 -37.33 -11.99
C SER A 22 -13.29 -36.59 -12.33
N ASN A 23 -14.43 -37.11 -11.89
CA ASN A 23 -15.70 -36.47 -12.20
C ASN A 23 -16.24 -35.68 -11.01
N ALA A 24 -15.74 -34.45 -10.85
CA ALA A 24 -16.19 -33.58 -9.77
C ALA A 24 -15.84 -32.11 -10.04
N MET A 25 -16.02 -31.26 -9.04
CA MET A 25 -15.99 -29.81 -9.24
C MET A 25 -14.66 -29.13 -8.90
N LYS A 26 -14.11 -28.41 -9.88
CA LYS A 26 -12.89 -27.63 -9.69
C LYS A 26 -13.12 -26.14 -9.93
N ILE A 27 -12.75 -25.32 -8.94
CA ILE A 27 -12.99 -23.87 -9.00
C ILE A 27 -11.74 -23.03 -8.73
N GLY A 28 -11.84 -21.72 -8.99
CA GLY A 28 -10.71 -20.83 -8.83
C GLY A 28 -10.99 -19.56 -8.05
N VAL A 29 -10.04 -19.17 -7.20
CA VAL A 29 -10.19 -17.99 -6.35
C VAL A 29 -9.24 -16.85 -6.76
N PHE A 30 -9.80 -15.65 -6.92
CA PHE A 30 -9.01 -14.51 -7.37
C PHE A 30 -9.12 -13.29 -6.47
N ASP A 31 -8.01 -12.94 -5.82
CA ASP A 31 -7.92 -11.71 -5.06
C ASP A 31 -6.76 -10.90 -5.62
N SER A 32 -6.75 -9.61 -5.35
CA SER A 32 -5.68 -8.73 -5.81
C SER A 32 -4.34 -9.17 -5.23
N GLY A 33 -4.29 -9.27 -3.91
CA GLY A 33 -3.08 -9.67 -3.21
C GLY A 33 -3.18 -11.00 -2.49
N VAL A 34 -3.04 -10.95 -1.16
CA VAL A 34 -3.06 -12.16 -0.34
C VAL A 34 -4.29 -12.22 0.55
N GLY A 35 -5.08 -11.14 0.56
CA GLY A 35 -6.25 -11.07 1.40
C GLY A 35 -7.19 -12.25 1.19
N GLY A 36 -7.38 -12.63 -0.07
CA GLY A 36 -8.31 -13.68 -0.43
C GLY A 36 -7.93 -15.05 0.11
N LEU A 37 -6.76 -15.15 0.72
CA LEU A 37 -6.33 -16.40 1.35
C LEU A 37 -7.26 -16.75 2.52
N SER A 38 -7.71 -15.73 3.25
CA SER A 38 -8.65 -15.92 4.34
C SER A 38 -9.96 -16.49 3.79
N VAL A 39 -10.38 -15.98 2.64
CA VAL A 39 -11.52 -16.52 1.92
C VAL A 39 -11.21 -17.96 1.52
N LEU A 40 -10.00 -18.16 0.98
CA LEU A 40 -9.55 -19.49 0.58
C LEU A 40 -9.55 -20.47 1.75
N LYS A 41 -9.24 -19.96 2.93
CA LYS A 41 -9.26 -20.79 4.14
C LYS A 41 -10.64 -21.43 4.29
N SER A 42 -11.64 -20.60 4.59
CA SER A 42 -13.02 -21.07 4.79
C SER A 42 -13.55 -22.00 3.71
N LEU A 43 -13.15 -21.78 2.46
CA LEU A 43 -13.55 -22.65 1.37
C LEU A 43 -12.87 -24.02 1.49
N TYR A 44 -11.62 -24.00 1.90
CA TYR A 44 -10.82 -25.21 2.04
C TYR A 44 -11.31 -26.10 3.18
N GLU A 45 -11.66 -25.49 4.30
CA GLU A 45 -12.17 -26.23 5.45
C GLU A 45 -13.51 -26.87 5.14
N ALA A 46 -14.20 -26.34 4.13
CA ALA A 46 -15.55 -26.79 3.80
C ALA A 46 -15.57 -28.15 3.13
N ARG A 47 -14.53 -28.42 2.34
CA ARG A 47 -14.44 -29.63 1.51
C ARG A 47 -15.61 -29.73 0.53
N LEU A 48 -15.79 -28.68 -0.27
CA LEU A 48 -16.88 -28.63 -1.23
C LEU A 48 -16.37 -28.90 -2.64
N PHE A 49 -15.04 -28.90 -2.77
CA PHE A 49 -14.39 -29.07 -4.07
C PHE A 49 -13.25 -30.07 -3.97
N ASP A 50 -12.61 -30.35 -5.10
CA ASP A 50 -11.52 -31.32 -5.14
C ASP A 50 -10.23 -30.60 -5.49
N GLU A 51 -10.37 -29.41 -6.05
CA GLU A 51 -9.23 -28.61 -6.49
C GLU A 51 -9.56 -27.12 -6.57
N ILE A 52 -8.74 -26.30 -5.93
CA ILE A 52 -8.94 -24.85 -5.93
C ILE A 52 -7.72 -24.12 -6.51
N ILE A 53 -7.96 -23.20 -7.44
CA ILE A 53 -6.88 -22.48 -8.10
C ILE A 53 -6.83 -21.03 -7.61
N TYR A 54 -5.85 -20.71 -6.78
CA TYR A 54 -5.69 -19.34 -6.29
C TYR A 54 -4.76 -18.53 -7.18
N TYR A 55 -5.24 -17.42 -7.71
CA TYR A 55 -4.39 -16.48 -8.42
C TYR A 55 -4.44 -15.11 -7.74
N GLY A 56 -3.28 -14.49 -7.60
CA GLY A 56 -3.18 -13.17 -6.99
C GLY A 56 -2.34 -12.22 -7.82
N ASP A 57 -2.96 -11.15 -8.31
CA ASP A 57 -2.23 -10.17 -9.09
C ASP A 57 -1.39 -9.29 -8.16
N THR A 58 -0.37 -9.88 -7.55
CA THR A 58 0.43 -9.18 -6.54
C THR A 58 1.34 -8.09 -7.13
N ALA A 59 1.47 -8.08 -8.46
CA ALA A 59 2.28 -7.06 -9.12
C ALA A 59 1.62 -5.69 -9.07
N ARG A 60 0.29 -5.69 -9.19
CA ARG A 60 -0.45 -4.44 -9.34
C ARG A 60 -1.29 -4.09 -8.11
N VAL A 61 -0.86 -4.57 -6.94
CA VAL A 61 -1.54 -4.26 -5.68
C VAL A 61 -1.27 -2.81 -5.26
N PRO A 62 -2.30 -2.12 -4.72
CA PRO A 62 -3.68 -2.57 -4.52
C PRO A 62 -4.59 -2.07 -5.63
N TYR A 63 -5.87 -2.46 -5.61
CA TYR A 63 -6.78 -2.09 -6.69
C TYR A 63 -7.66 -0.89 -6.39
N GLY A 64 -7.76 -0.53 -5.11
CA GLY A 64 -8.57 0.60 -4.70
C GLY A 64 -8.12 1.94 -5.25
N VAL A 65 -6.87 2.02 -5.70
CA VAL A 65 -6.31 3.27 -6.19
C VAL A 65 -6.86 3.65 -7.55
N LYS A 66 -6.99 2.67 -8.44
CA LYS A 66 -7.39 2.92 -9.82
C LYS A 66 -8.86 3.27 -9.94
N ASP A 67 -9.21 3.90 -11.07
CA ASP A 67 -10.60 4.14 -11.41
C ASP A 67 -11.25 2.84 -11.85
N LYS A 68 -12.53 2.89 -12.20
CA LYS A 68 -13.32 1.70 -12.44
C LYS A 68 -12.90 0.91 -13.67
N ASP A 69 -12.67 1.62 -14.78
N ASP A 69 -12.69 1.64 -14.77
CA ASP A 69 -12.43 0.96 -16.06
CA ASP A 69 -12.40 1.03 -16.07
C ASP A 69 -11.10 0.22 -16.11
C ASP A 69 -11.11 0.22 -16.08
N THR A 70 -10.10 0.68 -15.35
CA THR A 70 -8.81 0.00 -15.31
C THR A 70 -8.87 -1.27 -14.46
N ILE A 71 -9.61 -1.21 -13.36
CA ILE A 71 -9.87 -2.40 -12.55
C ILE A 71 -10.53 -3.48 -13.40
N ILE A 72 -11.46 -3.05 -14.24
CA ILE A 72 -12.17 -3.96 -15.14
C ILE A 72 -11.23 -4.58 -16.16
N LYS A 73 -10.43 -3.74 -16.84
CA LYS A 73 -9.47 -4.24 -17.81
C LYS A 73 -8.43 -5.12 -17.13
N PHE A 74 -8.23 -4.93 -15.82
CA PHE A 74 -7.31 -5.76 -15.06
C PHE A 74 -7.95 -7.10 -14.72
N CYS A 75 -9.22 -7.07 -14.32
CA CYS A 75 -9.91 -8.29 -13.92
C CYS A 75 -10.18 -9.19 -15.12
N LEU A 76 -10.35 -8.58 -16.29
CA LEU A 76 -10.53 -9.33 -17.52
C LEU A 76 -9.27 -10.10 -17.87
N GLU A 77 -8.11 -9.56 -17.51
CA GLU A 77 -6.84 -10.23 -17.77
C GLU A 77 -6.67 -11.46 -16.89
N ALA A 78 -7.37 -11.49 -15.77
CA ALA A 78 -7.34 -12.63 -14.86
C ALA A 78 -8.24 -13.75 -15.36
N LEU A 79 -9.32 -13.38 -16.03
CA LEU A 79 -10.22 -14.35 -16.63
C LEU A 79 -9.51 -15.12 -17.72
N ASP A 80 -8.85 -14.38 -18.61
CA ASP A 80 -8.06 -14.98 -19.70
C ASP A 80 -7.08 -16.00 -19.14
N PHE A 81 -6.54 -15.70 -17.97
CA PHE A 81 -5.66 -16.62 -17.26
C PHE A 81 -6.42 -17.89 -16.86
N PHE A 82 -7.55 -17.72 -16.18
CA PHE A 82 -8.33 -18.86 -15.70
C PHE A 82 -8.86 -19.79 -16.82
N GLU A 83 -8.84 -19.31 -18.06
CA GLU A 83 -9.40 -20.08 -19.18
C GLU A 83 -8.69 -21.41 -19.42
N GLN A 84 -7.36 -21.40 -19.43
CA GLN A 84 -6.59 -22.62 -19.70
C GLN A 84 -6.82 -23.73 -18.67
N PHE A 85 -7.24 -23.35 -17.47
CA PHE A 85 -7.53 -24.33 -16.42
C PHE A 85 -8.94 -24.89 -16.58
N GLN A 86 -9.83 -24.08 -17.15
CA GLN A 86 -11.23 -24.45 -17.38
C GLN A 86 -11.90 -24.84 -16.07
N ILE A 87 -12.40 -23.84 -15.36
CA ILE A 87 -13.02 -24.05 -14.06
C ILE A 87 -14.54 -24.02 -14.12
N ASP A 88 -15.17 -24.62 -13.11
CA ASP A 88 -16.62 -24.68 -13.05
C ASP A 88 -17.20 -23.41 -12.46
N MET A 89 -16.42 -22.72 -11.63
CA MET A 89 -16.90 -21.53 -10.94
C MET A 89 -15.73 -20.64 -10.50
N LEU A 90 -15.88 -19.33 -10.64
CA LEU A 90 -14.83 -18.39 -10.25
C LEU A 90 -15.32 -17.46 -9.16
N ILE A 91 -14.50 -17.26 -8.14
CA ILE A 91 -14.86 -16.41 -7.03
C ILE A 91 -13.96 -15.18 -6.95
N ILE A 92 -14.58 -14.00 -6.92
CA ILE A 92 -13.84 -12.74 -6.81
C ILE A 92 -13.68 -12.37 -5.34
N ALA A 93 -12.47 -12.46 -4.84
CA ALA A 93 -12.21 -12.23 -3.42
C ALA A 93 -11.86 -10.77 -3.10
N CYS A 94 -11.93 -9.90 -4.10
CA CYS A 94 -11.62 -8.50 -3.88
C CYS A 94 -12.91 -7.68 -3.85
N ASN A 95 -13.17 -7.05 -2.70
CA ASN A 95 -14.34 -6.20 -2.53
C ASN A 95 -14.36 -5.05 -3.53
N THR A 96 -13.18 -4.68 -4.02
CA THR A 96 -13.07 -3.64 -5.03
C THR A 96 -13.45 -4.20 -6.39
N ALA A 97 -12.88 -5.34 -6.73
CA ALA A 97 -13.19 -6.01 -7.98
C ALA A 97 -14.63 -6.50 -8.00
N SER A 98 -15.14 -6.90 -6.83
CA SER A 98 -16.51 -7.37 -6.71
C SER A 98 -17.47 -6.23 -7.03
N ALA A 99 -17.10 -5.03 -6.59
CA ALA A 99 -17.95 -3.85 -6.75
C ALA A 99 -18.09 -3.43 -8.21
N TYR A 100 -16.98 -3.44 -8.94
CA TYR A 100 -16.95 -2.84 -10.28
C TYR A 100 -16.89 -3.85 -11.44
N ALA A 101 -16.10 -4.89 -11.27
CA ALA A 101 -15.81 -5.79 -12.39
C ALA A 101 -16.75 -6.98 -12.51
N LEU A 102 -17.55 -7.23 -11.49
CA LEU A 102 -18.42 -8.42 -11.45
C LEU A 102 -19.61 -8.33 -12.40
N ASP A 103 -19.33 -8.22 -13.69
CA ASP A 103 -20.37 -8.05 -14.70
C ASP A 103 -19.79 -8.28 -16.09
N ALA A 104 -18.74 -7.55 -16.41
CA ALA A 104 -18.04 -7.75 -17.68
C ALA A 104 -17.36 -9.13 -17.67
N LEU A 105 -17.13 -9.65 -16.47
CA LEU A 105 -16.63 -11.01 -16.32
C LEU A 105 -17.70 -12.00 -16.77
N ARG A 106 -18.95 -11.71 -16.44
CA ARG A 106 -20.07 -12.57 -16.78
C ARG A 106 -20.46 -12.44 -18.25
N ALA A 107 -20.15 -11.28 -18.83
CA ALA A 107 -20.38 -11.07 -20.25
C ALA A 107 -19.24 -11.69 -21.05
N LYS A 108 -18.39 -12.45 -20.36
CA LYS A 108 -17.25 -13.11 -20.99
C LYS A 108 -17.04 -14.52 -20.44
N ALA A 109 -17.63 -14.81 -19.28
CA ALA A 109 -17.49 -16.13 -18.69
C ALA A 109 -18.55 -17.11 -19.20
N HIS A 110 -18.20 -18.39 -19.22
CA HIS A 110 -19.13 -19.44 -19.64
C HIS A 110 -19.54 -20.23 -18.40
N PHE A 111 -19.40 -19.61 -17.24
CA PHE A 111 -19.56 -20.28 -15.96
C PHE A 111 -19.80 -19.26 -14.84
N PRO A 112 -20.49 -19.67 -13.76
CA PRO A 112 -20.84 -18.74 -12.67
C PRO A 112 -19.63 -18.06 -12.03
N VAL A 113 -19.62 -16.73 -12.10
CA VAL A 113 -18.59 -15.93 -11.45
C VAL A 113 -19.22 -15.12 -10.30
N TYR A 114 -18.77 -15.36 -9.08
CA TYR A 114 -19.40 -14.74 -7.92
C TYR A 114 -18.46 -13.83 -7.14
N GLY A 115 -19.05 -13.08 -6.20
CA GLY A 115 -18.31 -12.08 -5.43
C GLY A 115 -18.64 -12.03 -3.95
N VAL A 116 -17.83 -11.28 -3.21
CA VAL A 116 -17.88 -11.27 -1.75
C VAL A 116 -18.99 -10.41 -1.14
N ILE A 117 -19.43 -9.38 -1.86
CA ILE A 117 -20.31 -8.36 -1.28
C ILE A 117 -21.71 -8.85 -0.89
N ASP A 118 -22.36 -9.56 -1.81
CA ASP A 118 -23.71 -10.03 -1.57
C ASP A 118 -23.77 -11.10 -0.48
N ALA A 119 -22.80 -12.01 -0.51
CA ALA A 119 -22.69 -13.06 0.50
C ALA A 119 -22.56 -12.45 1.89
N GLY A 120 -21.69 -11.46 2.00
CA GLY A 120 -21.55 -10.70 3.23
C GLY A 120 -22.82 -9.99 3.64
N VAL A 121 -23.48 -9.34 2.68
CA VAL A 121 -24.73 -8.64 2.98
C VAL A 121 -25.82 -9.62 3.44
N GLU A 122 -26.02 -10.68 2.67
CA GLU A 122 -27.06 -11.66 2.96
C GLU A 122 -26.81 -12.35 4.30
N ALA A 123 -25.56 -12.69 4.58
CA ALA A 123 -25.19 -13.34 5.83
C ALA A 123 -25.40 -12.42 7.02
N THR A 124 -25.30 -11.12 6.78
CA THR A 124 -25.55 -10.13 7.83
C THR A 124 -27.03 -10.07 8.13
N ILE A 125 -27.84 -9.99 7.07
CA ILE A 125 -29.29 -9.92 7.21
C ILE A 125 -29.84 -11.16 7.91
N LYS A 126 -29.47 -12.33 7.42
CA LYS A 126 -29.88 -13.60 8.01
C LYS A 126 -29.50 -13.69 9.49
N ALA A 127 -28.37 -13.10 9.85
CA ALA A 127 -27.87 -13.17 11.21
C ALA A 127 -28.51 -12.10 12.10
N LEU A 128 -29.18 -11.14 11.48
CA LEU A 128 -29.85 -10.09 12.22
C LEU A 128 -31.38 -10.21 12.17
N HIS A 129 -31.92 -10.45 10.97
CA HIS A 129 -33.37 -10.52 10.75
C HIS A 129 -34.15 -9.43 11.49
N ASP A 130 -33.53 -8.26 11.61
CA ASP A 130 -34.04 -7.20 12.46
C ASP A 130 -33.62 -5.86 11.86
N LYS A 131 -34.54 -5.24 11.11
CA LYS A 131 -34.27 -4.02 10.35
C LYS A 131 -33.62 -2.89 11.16
N ASN A 132 -33.90 -2.84 12.46
CA ASN A 132 -33.47 -1.71 13.29
C ASN A 132 -32.24 -2.00 14.16
N LYS A 133 -31.50 -3.04 13.83
CA LYS A 133 -30.33 -3.41 14.62
C LYS A 133 -29.07 -2.67 14.16
N GLU A 134 -28.08 -2.57 15.03
CA GLU A 134 -26.89 -1.76 14.79
C GLU A 134 -25.80 -2.50 14.02
N ILE A 135 -25.53 -2.05 12.80
CA ILE A 135 -24.53 -2.68 11.94
C ILE A 135 -23.31 -1.79 11.73
N LEU A 136 -22.14 -2.38 11.91
CA LEU A 136 -20.89 -1.69 11.56
C LEU A 136 -20.19 -2.47 10.46
N VAL A 137 -19.59 -1.75 9.51
CA VAL A 137 -18.84 -2.39 8.44
C VAL A 137 -17.51 -1.67 8.20
N ILE A 138 -16.42 -2.37 8.47
CA ILE A 138 -15.09 -1.80 8.30
C ILE A 138 -14.45 -2.30 7.01
N ALA A 139 -13.67 -1.45 6.35
CA ALA A 139 -13.04 -1.77 5.09
C ALA A 139 -11.97 -0.75 4.72
N THR A 140 -11.39 -0.92 3.54
CA THR A 140 -10.47 0.06 2.99
C THR A 140 -11.22 1.32 2.58
N LYS A 141 -10.48 2.39 2.34
CA LYS A 141 -11.06 3.66 1.95
C LYS A 141 -11.81 3.55 0.62
N ALA A 142 -11.34 2.65 -0.24
CA ALA A 142 -11.92 2.45 -1.56
C ALA A 142 -13.22 1.66 -1.51
N THR A 143 -13.24 0.62 -0.67
CA THR A 143 -14.40 -0.23 -0.53
C THR A 143 -15.58 0.59 0.01
N ILE A 144 -15.28 1.55 0.88
CA ILE A 144 -16.33 2.37 1.48
C ILE A 144 -16.90 3.38 0.47
N LYS A 145 -16.00 4.05 -0.25
CA LYS A 145 -16.39 5.13 -1.16
C LYS A 145 -17.32 4.65 -2.27
N SER A 146 -17.22 3.36 -2.61
CA SER A 146 -18.09 2.77 -3.61
C SER A 146 -19.52 2.71 -3.10
N GLU A 147 -19.65 2.72 -1.77
CA GLU A 147 -20.93 2.70 -1.08
C GLU A 147 -21.77 1.45 -1.35
N GLU A 148 -21.18 0.48 -2.04
CA GLU A 148 -21.91 -0.71 -2.48
C GLU A 148 -22.58 -1.48 -1.34
N TYR A 149 -21.84 -1.77 -0.29
CA TYR A 149 -22.41 -2.44 0.89
C TYR A 149 -23.53 -1.60 1.48
N GLN A 150 -23.32 -0.29 1.51
CA GLN A 150 -24.32 0.64 2.00
C GLN A 150 -25.53 0.71 1.06
N LYS A 151 -25.26 0.90 -0.23
CA LYS A 151 -26.31 1.00 -1.25
C LYS A 151 -27.25 -0.20 -1.22
N ARG A 152 -26.73 -1.32 -0.73
CA ARG A 152 -27.48 -2.58 -0.69
C ARG A 152 -28.25 -2.77 0.61
N LEU A 153 -27.55 -2.67 1.75
CA LEU A 153 -28.20 -2.88 3.05
C LEU A 153 -29.36 -1.91 3.27
N LEU A 154 -29.24 -0.71 2.73
CA LEU A 154 -30.30 0.30 2.83
C LEU A 154 -31.51 -0.11 2.01
N SER A 155 -31.26 -0.59 0.78
CA SER A 155 -32.30 -1.06 -0.12
C SER A 155 -33.21 -2.11 0.53
N GLN A 156 -32.65 -2.86 1.47
CA GLN A 156 -33.40 -3.92 2.14
C GLN A 156 -33.92 -3.47 3.50
N GLY A 157 -33.80 -2.17 3.78
CA GLY A 157 -34.47 -1.55 4.89
C GLY A 157 -33.76 -1.54 6.24
N TYR A 158 -32.46 -1.82 6.24
CA TYR A 158 -31.70 -1.77 7.47
C TYR A 158 -31.23 -0.34 7.73
N THR A 159 -31.60 0.20 8.90
CA THR A 159 -31.48 1.62 9.17
C THR A 159 -30.26 2.02 10.03
N ASN A 160 -30.02 1.27 11.11
CA ASN A 160 -28.92 1.60 12.02
C ASN A 160 -27.58 1.12 11.51
N ILE A 161 -27.06 1.76 10.47
CA ILE A 161 -25.77 1.36 9.90
C ILE A 161 -24.76 2.51 9.75
N ASN A 162 -23.52 2.25 10.17
CA ASN A 162 -22.40 3.14 9.85
C ASN A 162 -21.30 2.36 9.16
N ALA A 163 -20.58 3.02 8.25
CA ALA A 163 -19.45 2.39 7.57
C ALA A 163 -18.18 3.18 7.83
N LEU A 164 -17.07 2.47 8.06
CA LEU A 164 -15.84 3.12 8.50
C LEU A 164 -14.57 2.54 7.87
N ALA A 165 -13.71 3.44 7.39
CA ALA A 165 -12.44 3.04 6.77
C ALA A 165 -11.36 2.81 7.82
N THR A 166 -10.87 1.57 7.89
CA THR A 166 -9.81 1.21 8.81
C THR A 166 -8.61 0.63 8.06
N GLY A 167 -8.16 1.38 7.06
CA GLY A 167 -7.12 0.92 6.15
C GLY A 167 -5.82 0.46 6.79
N LEU A 168 -5.50 1.01 7.96
CA LEU A 168 -4.26 0.68 8.64
C LEU A 168 -4.20 -0.78 9.12
N PHE A 169 -5.36 -1.43 9.21
CA PHE A 169 -5.41 -2.83 9.62
C PHE A 169 -4.74 -3.74 8.59
N VAL A 170 -4.80 -3.34 7.33
CA VAL A 170 -4.22 -4.13 6.24
C VAL A 170 -2.69 -4.31 6.34
N PRO A 171 -1.92 -3.21 6.49
CA PRO A 171 -0.47 -3.45 6.59
C PRO A 171 -0.07 -4.01 7.96
N MET A 172 -0.94 -3.89 8.95
CA MET A 172 -0.67 -4.49 10.25
C MET A 172 -0.77 -6.02 10.16
N VAL A 173 -1.70 -6.48 9.34
CA VAL A 173 -1.86 -7.89 9.07
C VAL A 173 -0.65 -8.43 8.31
N GLU A 174 -0.21 -7.70 7.30
CA GLU A 174 0.90 -8.13 6.44
C GLU A 174 2.25 -8.10 7.16
N GLU A 175 2.32 -7.40 8.29
CA GLU A 175 3.53 -7.42 9.11
C GLU A 175 3.33 -8.32 10.33
N GLY A 176 2.28 -9.13 10.28
CA GLY A 176 2.05 -10.17 11.28
C GLY A 176 1.54 -9.68 12.63
N ILE A 177 1.05 -8.45 12.68
CA ILE A 177 0.53 -7.90 13.93
C ILE A 177 -0.94 -8.27 14.10
N PHE A 178 -1.19 -9.24 14.98
CA PHE A 178 -2.55 -9.72 15.21
C PHE A 178 -2.99 -9.51 16.65
N GLU A 179 -2.06 -9.04 17.48
CA GLU A 179 -2.32 -8.90 18.89
C GLU A 179 -1.32 -7.94 19.53
N GLY A 180 -1.60 -7.53 20.76
CA GLY A 180 -0.71 -6.64 21.49
C GLY A 180 -1.27 -5.25 21.66
N ASP A 181 -0.61 -4.47 22.52
CA ASP A 181 -1.02 -3.11 22.81
C ASP A 181 -1.02 -2.23 21.57
N PHE A 182 -0.07 -2.46 20.66
CA PHE A 182 0.00 -1.71 19.42
C PHE A 182 -1.28 -1.89 18.60
N LEU A 183 -1.73 -3.13 18.44
CA LEU A 183 -2.97 -3.38 17.72
C LEU A 183 -4.15 -2.81 18.52
N GLN A 184 -4.06 -2.94 19.84
CA GLN A 184 -5.07 -2.38 20.73
C GLN A 184 -5.13 -0.87 20.56
N SER A 185 -3.95 -0.24 20.55
CA SER A 185 -3.85 1.20 20.32
C SER A 185 -4.46 1.61 18.98
N ALA A 186 -4.37 0.72 18.00
CA ALA A 186 -4.99 0.95 16.70
C ALA A 186 -6.52 0.90 16.77
N MET A 187 -7.04 -0.14 17.42
CA MET A 187 -8.47 -0.30 17.64
C MET A 187 -9.02 0.86 18.47
N GLU A 188 -8.33 1.16 19.57
CA GLU A 188 -8.68 2.29 20.42
C GLU A 188 -8.66 3.60 19.64
N TYR A 189 -7.81 3.67 18.63
CA TYR A 189 -7.72 4.86 17.78
C TYR A 189 -8.90 4.94 16.82
N TYR A 190 -9.13 3.87 16.08
CA TYR A 190 -10.16 3.84 15.06
C TYR A 190 -11.57 3.86 15.66
N PHE A 191 -11.72 3.26 16.83
CA PHE A 191 -13.05 3.08 17.42
C PHE A 191 -13.32 4.08 18.54
N LYS A 192 -12.80 5.30 18.40
CA LYS A 192 -13.00 6.35 19.38
C LYS A 192 -14.45 6.82 19.39
N ASN A 193 -15.09 6.77 20.56
CA ASN A 193 -16.48 7.18 20.72
C ASN A 193 -17.41 6.53 19.70
N ILE A 194 -17.36 5.21 19.63
CA ILE A 194 -18.11 4.46 18.64
C ILE A 194 -19.14 3.54 19.29
N THR A 195 -20.38 3.59 18.80
CA THR A 195 -21.42 2.68 19.25
C THR A 195 -21.00 1.23 19.02
N THR A 196 -20.97 0.44 20.09
CA THR A 196 -20.71 -0.98 19.97
C THR A 196 -21.86 -1.64 19.23
N PRO A 197 -21.59 -2.15 18.02
CA PRO A 197 -22.61 -2.66 17.11
C PRO A 197 -23.02 -4.09 17.43
N ASP A 198 -24.18 -4.50 16.94
CA ASP A 198 -24.65 -5.86 17.10
C ASP A 198 -23.92 -6.79 16.15
N ALA A 199 -23.61 -6.28 14.96
CA ALA A 199 -22.88 -7.07 13.97
C ALA A 199 -21.84 -6.23 13.25
N LEU A 200 -20.62 -6.75 13.17
CA LEU A 200 -19.55 -6.08 12.42
C LEU A 200 -19.15 -6.86 11.17
N ILE A 201 -19.14 -6.18 10.04
CA ILE A 201 -18.80 -6.80 8.77
C ILE A 201 -17.35 -6.50 8.41
N LEU A 202 -16.64 -7.52 7.94
CA LEU A 202 -15.23 -7.39 7.59
C LEU A 202 -15.08 -7.27 6.08
N ALA A 203 -15.41 -6.09 5.55
CA ALA A 203 -15.39 -5.85 4.10
C ALA A 203 -13.99 -5.68 3.51
N CYS A 204 -12.99 -6.24 4.19
CA CYS A 204 -11.65 -6.37 3.63
C CYS A 204 -11.17 -7.79 3.92
N THR A 205 -10.43 -8.36 2.97
CA THR A 205 -10.05 -9.77 3.07
C THR A 205 -8.88 -10.04 4.02
N HIS A 206 -8.19 -8.99 4.44
CA HIS A 206 -7.10 -9.11 5.40
C HIS A 206 -7.67 -9.20 6.80
N PHE A 207 -8.81 -8.56 7.00
CA PHE A 207 -9.37 -8.35 8.34
C PHE A 207 -9.70 -9.61 9.17
N PRO A 208 -10.12 -10.71 8.53
CA PRO A 208 -10.31 -11.98 9.25
C PRO A 208 -9.10 -12.47 10.07
N LEU A 209 -7.96 -11.81 9.91
CA LEU A 209 -6.75 -12.17 10.66
C LEU A 209 -6.70 -11.48 12.02
N LEU A 210 -7.64 -10.57 12.26
CA LEU A 210 -7.64 -9.77 13.48
C LEU A 210 -8.89 -10.02 14.32
N GLY A 211 -9.72 -10.97 13.89
CA GLY A 211 -11.02 -11.22 14.49
C GLY A 211 -11.02 -11.45 15.99
N ARG A 212 -10.09 -12.29 16.44
CA ARG A 212 -9.99 -12.63 17.87
C ARG A 212 -9.78 -11.38 18.72
N SER A 213 -8.98 -10.46 18.20
CA SER A 213 -8.69 -9.22 18.91
C SER A 213 -9.89 -8.28 18.89
N LEU A 214 -10.57 -8.21 17.74
CA LEU A 214 -11.71 -7.31 17.57
C LEU A 214 -12.91 -7.70 18.42
N SER A 215 -13.27 -8.99 18.39
CA SER A 215 -14.40 -9.47 19.18
C SER A 215 -14.12 -9.28 20.67
N LYS A 216 -12.91 -9.64 21.09
CA LYS A 216 -12.46 -9.44 22.46
C LYS A 216 -12.53 -7.96 22.83
N TYR A 217 -12.26 -7.11 21.84
CA TYR A 217 -12.33 -5.67 22.03
C TYR A 217 -13.77 -5.20 22.08
N PHE A 218 -14.59 -5.68 21.14
CA PHE A 218 -15.97 -5.26 21.03
C PHE A 218 -16.89 -6.00 22.00
N GLY A 219 -16.54 -7.24 22.32
CA GLY A 219 -17.34 -8.03 23.24
C GLY A 219 -18.25 -9.01 22.55
N ASP A 220 -19.04 -9.73 23.34
CA ASP A 220 -19.93 -10.77 22.82
C ASP A 220 -21.07 -10.20 21.99
N LYS A 221 -21.53 -9.01 22.36
CA LYS A 221 -22.63 -8.35 21.67
C LYS A 221 -22.41 -8.28 20.16
N THR A 222 -21.21 -7.90 19.76
CA THR A 222 -20.89 -7.77 18.35
C THR A 222 -20.72 -9.14 17.70
N LYS A 223 -21.44 -9.36 16.59
CA LYS A 223 -21.32 -10.61 15.85
C LYS A 223 -20.53 -10.40 14.55
N LEU A 224 -19.40 -11.08 14.43
CA LEU A 224 -18.52 -10.89 13.28
C LEU A 224 -19.00 -11.63 12.03
N ILE A 225 -19.16 -10.87 10.95
CA ILE A 225 -19.57 -11.44 9.67
C ILE A 225 -18.33 -11.75 8.84
N HIS A 226 -17.97 -13.03 8.81
N HIS A 226 -17.96 -13.02 8.79
CA HIS A 226 -16.81 -13.51 8.05
CA HIS A 226 -16.76 -13.44 8.07
C HIS A 226 -17.14 -13.63 6.56
C HIS A 226 -17.07 -13.67 6.59
N SER A 227 -16.36 -12.96 5.73
CA SER A 227 -16.56 -13.02 4.28
C SER A 227 -16.41 -14.44 3.72
N GLY A 228 -15.43 -15.18 4.24
CA GLY A 228 -15.24 -16.57 3.85
C GLY A 228 -16.43 -17.44 4.25
N ASP A 229 -16.83 -17.35 5.52
CA ASP A 229 -17.95 -18.14 6.02
C ASP A 229 -19.27 -17.70 5.39
N ALA A 230 -19.36 -16.43 5.01
CA ALA A 230 -20.57 -15.90 4.38
C ALA A 230 -20.75 -16.44 2.97
N ILE A 231 -19.64 -16.75 2.30
CA ILE A 231 -19.70 -17.22 0.92
C ILE A 231 -19.79 -18.75 0.84
N VAL A 232 -19.37 -19.42 1.91
CA VAL A 232 -19.54 -20.87 2.01
C VAL A 232 -21.03 -21.17 2.07
N GLU A 233 -21.72 -20.52 3.02
CA GLU A 233 -23.16 -20.66 3.15
C GLU A 233 -23.89 -20.10 1.93
N PHE A 234 -23.26 -19.17 1.23
CA PHE A 234 -23.86 -18.52 0.06
C PHE A 234 -23.97 -19.47 -1.11
N LEU A 235 -22.87 -20.15 -1.42
CA LEU A 235 -22.81 -21.08 -2.55
C LEU A 235 -23.75 -22.27 -2.34
N LYS A 236 -23.98 -22.64 -1.09
CA LYS A 236 -24.88 -23.75 -0.77
C LYS A 236 -26.30 -23.40 -1.20
N GLU A 237 -26.65 -22.13 -1.01
CA GLU A 237 -27.97 -21.65 -1.35
C GLU A 237 -28.16 -21.54 -2.87
N ARG A 238 -27.09 -21.25 -3.58
CA ARG A 238 -27.18 -20.95 -5.00
C ARG A 238 -26.80 -22.12 -5.91
N GLU A 239 -25.99 -23.03 -5.40
CA GLU A 239 -25.41 -24.09 -6.23
C GLU A 239 -25.67 -25.51 -5.72
N ASN A 240 -25.55 -26.49 -6.62
N ASN A 240 -25.53 -26.48 -6.62
CA ASN A 240 -25.59 -27.89 -6.20
CA ASN A 240 -25.58 -27.89 -6.23
C ASN A 240 -24.19 -28.35 -5.82
C ASN A 240 -24.19 -28.37 -5.83
N ILE A 241 -24.01 -28.61 -4.53
CA ILE A 241 -22.70 -28.91 -3.98
C ILE A 241 -22.67 -30.20 -3.16
N ASP A 242 -21.57 -30.95 -3.27
CA ASP A 242 -21.36 -32.13 -2.45
C ASP A 242 -20.16 -31.94 -1.53
N LEU A 243 -20.30 -32.38 -0.28
CA LEU A 243 -19.19 -32.38 0.66
C LEU A 243 -18.27 -33.54 0.33
N LYS A 244 -16.97 -33.29 0.31
CA LYS A 244 -15.99 -34.30 -0.10
C LYS A 244 -15.39 -35.01 1.11
N ASN A 245 -15.27 -36.33 1.02
CA ASN A 245 -14.48 -37.10 1.99
C ASN A 245 -13.02 -36.63 2.01
N HIS A 246 -12.46 -36.48 0.82
CA HIS A 246 -11.07 -36.08 0.67
C HIS A 246 -10.94 -34.57 0.65
N LYS A 247 -9.83 -34.08 1.19
CA LYS A 247 -9.56 -32.65 1.23
C LYS A 247 -9.17 -32.15 -0.16
N ALA A 248 -9.43 -30.89 -0.45
CA ALA A 248 -9.20 -30.36 -1.79
C ALA A 248 -7.73 -30.08 -2.11
N LYS A 249 -7.41 -29.99 -3.39
CA LYS A 249 -6.04 -29.77 -3.85
C LYS A 249 -5.80 -28.29 -4.18
N LEU A 250 -4.80 -27.70 -3.55
CA LEU A 250 -4.55 -26.27 -3.72
C LEU A 250 -3.53 -25.95 -4.81
N HIS A 251 -3.80 -24.88 -5.55
CA HIS A 251 -2.85 -24.35 -6.51
C HIS A 251 -2.72 -22.84 -6.29
N PHE A 252 -1.50 -22.33 -6.34
CA PHE A 252 -1.26 -20.91 -6.13
C PHE A 252 -0.51 -20.28 -7.28
N TYR A 253 -1.02 -19.15 -7.76
CA TYR A 253 -0.40 -18.45 -8.87
C TYR A 253 -0.36 -16.96 -8.57
N ALA A 254 0.77 -16.33 -8.83
CA ALA A 254 0.93 -14.90 -8.57
C ALA A 254 1.57 -14.23 -9.77
N SER A 255 1.16 -12.99 -10.03
CA SER A 255 1.80 -12.18 -11.07
C SER A 255 3.28 -12.06 -10.74
N SER A 256 3.57 -11.60 -9.53
CA SER A 256 4.95 -11.46 -9.09
C SER A 256 5.17 -12.18 -7.76
N ASP A 257 6.32 -12.83 -7.62
CA ASP A 257 6.74 -13.45 -6.36
C ASP A 257 5.72 -14.47 -5.83
N VAL A 258 5.64 -15.62 -6.50
CA VAL A 258 4.66 -16.65 -6.15
C VAL A 258 4.96 -17.31 -4.80
N GLU A 259 6.24 -17.57 -4.55
CA GLU A 259 6.65 -18.30 -3.36
C GLU A 259 6.41 -17.53 -2.05
N SER A 260 6.38 -16.21 -2.11
CA SER A 260 6.11 -15.40 -0.92
C SER A 260 4.64 -15.54 -0.55
N LEU A 261 3.79 -15.72 -1.56
CA LEU A 261 2.38 -15.96 -1.35
C LEU A 261 2.18 -17.35 -0.74
N LYS A 262 2.85 -18.33 -1.31
CA LYS A 262 2.77 -19.70 -0.84
C LYS A 262 3.14 -19.82 0.64
N ASN A 263 4.05 -18.96 1.09
CA ASN A 263 4.44 -18.93 2.50
C ASN A 263 3.28 -18.52 3.40
N THR A 264 2.80 -17.30 3.20
CA THR A 264 1.68 -16.76 3.97
C THR A 264 0.45 -17.66 3.84
N ALA A 265 0.36 -18.35 2.71
CA ALA A 265 -0.69 -19.34 2.52
C ALA A 265 -0.57 -20.44 3.57
N LYS A 266 0.65 -20.97 3.73
CA LYS A 266 0.88 -22.00 4.74
C LYS A 266 0.74 -21.42 6.15
N ILE A 267 1.09 -20.16 6.31
CA ILE A 267 1.03 -19.51 7.61
C ILE A 267 -0.42 -19.31 8.09
N TRP A 268 -1.26 -18.77 7.21
CA TRP A 268 -2.65 -18.47 7.58
C TRP A 268 -3.50 -19.73 7.79
N LEU A 269 -3.12 -20.82 7.13
CA LEU A 269 -3.93 -22.03 7.13
C LEU A 269 -3.28 -23.18 7.91
N ASN A 270 -1.95 -23.24 7.87
CA ASN A 270 -1.19 -24.37 8.40
C ASN A 270 -1.60 -25.68 7.74
N LEU A 271 -1.18 -25.84 6.48
CA LEU A 271 -1.51 -27.03 5.70
C LEU A 271 -0.84 -28.27 6.27
N TYR B 19 1.47 33.91 -19.27
CA TYR B 19 2.60 33.01 -19.47
C TYR B 19 3.87 33.77 -19.82
N PHE B 20 4.96 33.46 -19.13
CA PHE B 20 6.11 34.34 -19.11
C PHE B 20 7.46 33.65 -19.32
N GLN B 21 8.52 34.43 -19.56
CA GLN B 21 9.85 33.88 -19.82
C GLN B 21 10.97 34.67 -19.11
N SER B 22 12.08 34.00 -18.81
CA SER B 22 13.22 34.64 -18.14
C SER B 22 14.49 33.79 -18.24
N ASN B 23 15.64 34.37 -17.90
CA ASN B 23 16.90 33.63 -17.77
C ASN B 23 16.93 32.93 -16.42
N ALA B 24 16.91 31.59 -16.44
CA ALA B 24 16.67 30.86 -15.21
C ALA B 24 16.92 29.36 -15.31
N MET B 25 16.85 28.69 -14.16
CA MET B 25 16.95 27.23 -14.09
C MET B 25 15.60 26.61 -13.78
N LYS B 26 15.03 25.94 -14.78
CA LYS B 26 13.81 25.19 -14.58
C LYS B 26 14.20 23.77 -14.19
N ILE B 27 13.64 23.31 -13.07
CA ILE B 27 14.02 22.02 -12.48
C ILE B 27 12.85 21.06 -12.38
N GLY B 28 13.10 19.79 -12.65
CA GLY B 28 12.07 18.76 -12.55
C GLY B 28 12.25 17.86 -11.35
N VAL B 29 11.13 17.38 -10.80
CA VAL B 29 11.15 16.47 -9.67
C VAL B 29 10.21 15.29 -9.93
N PHE B 30 10.70 14.08 -9.74
CA PHE B 30 9.91 12.88 -10.02
C PHE B 30 9.87 11.93 -8.83
N ASP B 31 8.66 11.61 -8.40
CA ASP B 31 8.43 10.62 -7.34
C ASP B 31 7.35 9.65 -7.78
N SER B 32 7.35 8.47 -7.17
CA SER B 32 6.35 7.45 -7.46
C SER B 32 4.97 7.96 -7.03
N GLY B 33 4.91 8.63 -5.89
CA GLY B 33 3.66 9.16 -5.37
C GLY B 33 3.78 10.55 -4.79
N VAL B 34 3.18 10.74 -3.62
CA VAL B 34 3.11 12.05 -2.99
C VAL B 34 4.33 12.37 -2.13
N GLY B 35 5.12 11.35 -1.81
CA GLY B 35 6.23 11.49 -0.89
C GLY B 35 7.28 12.53 -1.25
N GLY B 36 7.61 12.62 -2.54
CA GLY B 36 8.64 13.52 -3.01
C GLY B 36 8.40 15.00 -2.74
N LEU B 37 7.20 15.34 -2.29
CA LEU B 37 6.88 16.72 -1.93
C LEU B 37 7.81 17.21 -0.81
N SER B 38 8.12 16.31 0.12
CA SER B 38 9.05 16.60 1.20
C SER B 38 10.42 17.06 0.68
N VAL B 39 10.85 16.46 -0.43
CA VAL B 39 12.06 16.93 -1.11
C VAL B 39 11.83 18.32 -1.68
N LEU B 40 10.67 18.52 -2.29
CA LEU B 40 10.34 19.75 -2.99
C LEU B 40 10.25 20.96 -2.04
N LYS B 41 9.74 20.71 -0.84
CA LYS B 41 9.64 21.76 0.16
C LYS B 41 10.99 22.43 0.39
N SER B 42 11.88 21.70 1.07
CA SER B 42 13.23 22.18 1.37
C SER B 42 13.96 22.68 0.13
N LEU B 43 13.64 22.10 -1.03
CA LEU B 43 14.20 22.55 -2.29
C LEU B 43 13.72 23.96 -2.61
N TYR B 44 12.40 24.12 -2.61
CA TYR B 44 11.75 25.41 -2.84
C TYR B 44 12.09 26.41 -1.76
N GLU B 45 12.12 25.93 -0.51
CA GLU B 45 12.44 26.79 0.62
C GLU B 45 13.84 27.39 0.47
N ALA B 46 14.73 26.65 -0.18
CA ALA B 46 16.08 27.12 -0.39
C ALA B 46 16.12 28.34 -1.32
N ARG B 47 15.04 28.53 -2.08
CA ARG B 47 14.90 29.68 -2.98
C ARG B 47 16.03 29.77 -4.00
N LEU B 48 16.47 28.61 -4.49
CA LEU B 48 17.59 28.55 -5.40
C LEU B 48 17.12 28.36 -6.83
N PHE B 49 15.81 28.15 -7.00
CA PHE B 49 15.24 27.86 -8.30
C PHE B 49 14.17 28.85 -8.77
N ASP B 50 13.81 28.74 -10.04
CA ASP B 50 12.87 29.65 -10.68
C ASP B 50 11.57 28.95 -10.99
N GLU B 51 11.68 27.72 -11.51
CA GLU B 51 10.51 26.92 -11.85
C GLU B 51 10.75 25.45 -11.55
N ILE B 52 9.97 24.92 -10.62
CA ILE B 52 10.07 23.52 -10.24
C ILE B 52 8.88 22.73 -10.76
N ILE B 53 9.16 21.64 -11.47
CA ILE B 53 8.10 20.82 -12.05
C ILE B 53 8.01 19.46 -11.35
N TYR B 54 6.83 19.15 -10.79
CA TYR B 54 6.62 17.91 -10.07
C TYR B 54 5.68 16.97 -10.83
N TYR B 55 6.14 15.74 -11.04
CA TYR B 55 5.32 14.71 -11.68
C TYR B 55 5.33 13.46 -10.82
N GLY B 56 4.15 12.95 -10.49
CA GLY B 56 4.02 11.76 -9.66
C GLY B 56 3.17 10.69 -10.33
N ASP B 57 3.73 9.51 -10.46
CA ASP B 57 3.03 8.41 -11.11
C ASP B 57 2.11 7.70 -10.12
N THR B 58 1.08 8.41 -9.66
CA THR B 58 0.20 7.90 -8.63
C THR B 58 -0.74 6.80 -9.10
N ALA B 59 -0.83 6.61 -10.41
CA ALA B 59 -1.65 5.53 -10.97
C ALA B 59 -1.04 4.17 -10.63
N ARG B 60 0.29 4.13 -10.60
CA ARG B 60 1.01 2.87 -10.48
C ARG B 60 1.75 2.74 -9.15
N VAL B 61 1.31 3.48 -8.15
CA VAL B 61 1.89 3.40 -6.80
C VAL B 61 1.50 2.09 -6.12
N PRO B 62 2.43 1.48 -5.36
CA PRO B 62 3.82 1.93 -5.17
C PRO B 62 4.78 1.22 -6.13
N TYR B 63 6.08 1.51 -6.03
CA TYR B 63 7.06 1.01 -6.99
C TYR B 63 7.90 -0.17 -6.50
N GLY B 64 7.98 -0.35 -5.19
CA GLY B 64 8.84 -1.37 -4.60
C GLY B 64 8.35 -2.78 -4.85
N VAL B 65 7.08 -2.91 -5.22
CA VAL B 65 6.47 -4.21 -5.45
C VAL B 65 6.99 -4.85 -6.74
N LYS B 66 7.45 -4.02 -7.67
CA LYS B 66 7.84 -4.49 -9.00
C LYS B 66 9.29 -4.95 -9.10
N ASP B 67 9.57 -5.73 -10.14
CA ASP B 67 10.93 -6.12 -10.47
C ASP B 67 11.72 -4.92 -10.95
N LYS B 68 13.04 -5.10 -11.06
CA LYS B 68 13.95 -4.01 -11.40
C LYS B 68 13.69 -3.42 -12.78
N ASP B 69 13.57 -4.29 -13.78
CA ASP B 69 13.40 -3.86 -15.17
C ASP B 69 12.12 -3.07 -15.43
N THR B 70 11.07 -3.35 -14.66
CA THR B 70 9.80 -2.65 -14.84
C THR B 70 9.87 -1.24 -14.26
N ILE B 71 10.51 -1.12 -13.10
CA ILE B 71 10.75 0.19 -12.49
C ILE B 71 11.52 1.08 -13.46
N ILE B 72 12.48 0.47 -14.15
CA ILE B 72 13.28 1.17 -15.16
C ILE B 72 12.41 1.62 -16.34
N LYS B 73 11.61 0.71 -16.87
CA LYS B 73 10.76 1.02 -18.02
C LYS B 73 9.71 2.07 -17.66
N PHE B 74 9.36 2.15 -16.38
CA PHE B 74 8.45 3.17 -15.89
C PHE B 74 9.13 4.54 -15.91
N CYS B 75 10.41 4.57 -15.52
CA CYS B 75 11.15 5.82 -15.40
C CYS B 75 11.47 6.47 -16.74
N LEU B 76 11.70 5.63 -17.75
CA LEU B 76 11.97 6.12 -19.09
C LEU B 76 10.75 6.85 -19.66
N GLU B 77 9.57 6.38 -19.28
CA GLU B 77 8.32 7.01 -19.69
C GLU B 77 8.19 8.40 -19.07
N ALA B 78 8.60 8.51 -17.81
CA ALA B 78 8.56 9.80 -17.11
C ALA B 78 9.51 10.81 -17.76
N LEU B 79 10.56 10.31 -18.38
CA LEU B 79 11.55 11.14 -19.04
C LEU B 79 10.96 11.89 -20.25
N ASP B 80 10.16 11.18 -21.04
CA ASP B 80 9.50 11.75 -22.21
C ASP B 80 8.61 12.92 -21.80
N PHE B 81 7.88 12.72 -20.70
CA PHE B 81 6.97 13.74 -20.19
C PHE B 81 7.73 14.99 -19.74
N PHE B 82 8.94 14.80 -19.22
CA PHE B 82 9.76 15.91 -18.78
C PHE B 82 10.47 16.59 -19.95
N GLU B 83 10.69 15.83 -21.02
CA GLU B 83 11.39 16.32 -22.20
C GLU B 83 10.79 17.61 -22.78
N GLN B 84 9.48 17.63 -22.91
CA GLN B 84 8.77 18.77 -23.49
C GLN B 84 8.98 20.06 -22.70
N PHE B 85 9.30 19.92 -21.43
CA PHE B 85 9.52 21.07 -20.56
C PHE B 85 10.92 21.66 -20.74
N GLN B 86 11.84 20.83 -21.24
CA GLN B 86 13.24 21.22 -21.42
C GLN B 86 13.80 21.86 -20.16
N ILE B 87 13.65 21.16 -19.03
CA ILE B 87 14.18 21.61 -17.76
C ILE B 87 15.69 21.48 -17.79
N ASP B 88 16.36 22.01 -16.77
CA ASP B 88 17.82 22.02 -16.77
C ASP B 88 18.37 21.14 -15.66
N MET B 89 17.47 20.53 -14.89
CA MET B 89 17.85 19.62 -13.82
C MET B 89 16.69 18.72 -13.41
N LEU B 90 16.92 17.41 -13.42
CA LEU B 90 15.91 16.45 -12.98
C LEU B 90 16.36 15.68 -11.73
N ILE B 91 15.50 15.70 -10.72
CA ILE B 91 15.75 15.01 -9.47
C ILE B 91 14.86 13.76 -9.41
N ILE B 92 15.40 12.66 -8.91
CA ILE B 92 14.61 11.46 -8.71
C ILE B 92 14.36 11.22 -7.22
N ALA B 93 13.13 11.45 -6.78
CA ALA B 93 12.79 11.40 -5.36
C ALA B 93 12.51 9.99 -4.85
N CYS B 94 12.11 9.09 -5.74
CA CYS B 94 11.82 7.72 -5.34
C CYS B 94 13.09 6.92 -5.12
N ASN B 95 13.25 6.39 -3.91
CA ASN B 95 14.45 5.62 -3.57
C ASN B 95 14.54 4.32 -4.35
N THR B 96 13.39 3.77 -4.73
CA THR B 96 13.36 2.52 -5.48
C THR B 96 13.82 2.75 -6.91
N ALA B 97 13.46 3.91 -7.46
CA ALA B 97 13.93 4.32 -8.78
C ALA B 97 15.38 4.80 -8.71
N SER B 98 15.73 5.44 -7.60
CA SER B 98 17.05 6.03 -7.44
C SER B 98 18.14 4.99 -7.13
N ALA B 99 17.78 3.72 -7.27
CA ALA B 99 18.73 2.64 -7.08
C ALA B 99 18.91 1.86 -8.37
N TYR B 100 17.79 1.48 -8.99
CA TYR B 100 17.83 0.57 -10.14
C TYR B 100 17.77 1.28 -11.49
N ALA B 101 17.32 2.53 -11.50
CA ALA B 101 17.03 3.22 -12.76
C ALA B 101 17.88 4.47 -13.01
N LEU B 102 18.78 4.80 -12.09
CA LEU B 102 19.57 6.03 -12.23
C LEU B 102 20.50 6.06 -13.44
N ASP B 103 21.20 4.95 -13.70
CA ASP B 103 22.13 4.88 -14.82
C ASP B 103 21.42 4.87 -16.16
N ALA B 104 20.25 4.25 -16.22
CA ALA B 104 19.52 4.14 -17.47
C ALA B 104 18.99 5.49 -17.95
N LEU B 105 18.54 6.32 -17.02
CA LEU B 105 18.05 7.65 -17.34
C LEU B 105 19.13 8.53 -17.96
N ARG B 106 20.32 8.50 -17.37
CA ARG B 106 21.43 9.32 -17.84
C ARG B 106 21.81 9.05 -19.29
N ALA B 107 21.72 7.80 -19.71
CA ALA B 107 22.02 7.45 -21.08
C ALA B 107 20.99 8.04 -22.03
N LYS B 108 19.72 7.89 -21.67
CA LYS B 108 18.63 8.43 -22.47
C LYS B 108 18.56 9.95 -22.40
N ALA B 109 18.65 10.49 -21.19
CA ALA B 109 18.48 11.92 -20.96
C ALA B 109 19.56 12.79 -21.61
N HIS B 110 19.30 14.09 -21.67
CA HIS B 110 20.15 15.05 -22.36
C HIS B 110 20.86 15.98 -21.38
N PHE B 111 20.59 15.83 -20.10
CA PHE B 111 21.00 16.80 -19.09
C PHE B 111 21.13 16.10 -17.72
N PRO B 112 21.64 16.80 -16.68
CA PRO B 112 21.88 16.06 -15.43
C PRO B 112 20.64 15.46 -14.75
N VAL B 113 20.80 14.22 -14.28
CA VAL B 113 19.79 13.53 -13.49
C VAL B 113 20.40 13.04 -12.18
N TYR B 114 19.80 13.42 -11.06
CA TYR B 114 20.35 13.06 -9.75
C TYR B 114 19.38 12.28 -8.88
N GLY B 115 19.92 11.56 -7.90
CA GLY B 115 19.12 10.70 -7.02
C GLY B 115 19.34 10.93 -5.54
N VAL B 116 18.34 10.55 -4.75
CA VAL B 116 18.31 10.87 -3.31
C VAL B 116 19.35 10.14 -2.46
N ILE B 117 19.70 8.91 -2.84
CA ILE B 117 20.52 8.06 -1.98
C ILE B 117 21.94 8.59 -1.73
N ASP B 118 22.60 9.04 -2.79
CA ASP B 118 23.95 9.58 -2.68
C ASP B 118 23.95 10.86 -1.85
N ALA B 119 22.92 11.67 -2.03
CA ALA B 119 22.77 12.90 -1.26
C ALA B 119 22.57 12.59 0.21
N GLY B 120 21.72 11.60 0.48
CA GLY B 120 21.46 11.17 1.84
C GLY B 120 22.69 10.57 2.50
N VAL B 121 23.40 9.73 1.74
CA VAL B 121 24.60 9.08 2.24
C VAL B 121 25.71 10.08 2.55
N GLU B 122 26.02 10.93 1.57
CA GLU B 122 27.07 11.94 1.73
C GLU B 122 26.80 12.88 2.90
N ALA B 123 25.52 13.22 3.10
CA ALA B 123 25.14 14.12 4.17
C ALA B 123 25.32 13.49 5.54
N THR B 124 25.04 12.20 5.63
CA THR B 124 25.22 11.45 6.88
C THR B 124 26.68 11.55 7.31
N ILE B 125 27.57 11.40 6.33
CA ILE B 125 29.01 11.44 6.57
C ILE B 125 29.51 12.80 7.02
N LYS B 126 29.16 13.84 6.26
CA LYS B 126 29.56 15.20 6.57
C LYS B 126 29.13 15.60 7.99
N ALA B 127 28.00 15.06 8.43
CA ALA B 127 27.49 15.35 9.77
C ALA B 127 28.24 14.56 10.83
N LEU B 128 28.56 13.31 10.51
CA LEU B 128 29.23 12.44 11.48
C LEU B 128 30.75 12.55 11.45
N HIS B 129 31.33 12.44 10.25
CA HIS B 129 32.79 12.34 10.07
C HIS B 129 33.47 11.50 11.14
N ASP B 130 32.97 10.28 11.30
CA ASP B 130 33.42 9.40 12.37
C ASP B 130 32.94 7.99 12.05
N LYS B 131 33.79 7.25 11.34
CA LYS B 131 33.47 5.92 10.85
C LYS B 131 32.86 4.98 11.89
N ASN B 132 33.28 5.10 13.14
CA ASN B 132 32.78 4.22 14.19
C ASN B 132 31.61 4.81 14.98
N LYS B 133 30.66 5.40 14.26
CA LYS B 133 29.49 6.00 14.91
C LYS B 133 28.19 5.28 14.55
N GLU B 134 27.21 5.39 15.43
CA GLU B 134 25.94 4.70 15.27
C GLU B 134 25.05 5.33 14.19
N ILE B 135 24.82 4.58 13.12
CA ILE B 135 23.92 5.00 12.06
C ILE B 135 22.71 4.09 11.97
N LEU B 136 21.53 4.66 12.15
CA LEU B 136 20.29 3.94 11.90
C LEU B 136 19.63 4.50 10.66
N VAL B 137 19.09 3.61 9.82
CA VAL B 137 18.40 4.01 8.60
C VAL B 137 17.08 3.24 8.45
N ILE B 138 15.97 4.00 8.40
CA ILE B 138 14.64 3.40 8.35
C ILE B 138 14.00 3.62 6.99
N ALA B 139 13.21 2.65 6.54
CA ALA B 139 12.59 2.72 5.22
C ALA B 139 11.49 1.70 5.04
N THR B 140 11.10 1.51 3.78
CA THR B 140 10.17 0.46 3.40
C THR B 140 10.94 -0.84 3.28
N LYS B 141 10.22 -1.95 3.36
CA LYS B 141 10.80 -3.27 3.19
C LYS B 141 11.55 -3.36 1.86
N ALA B 142 11.08 -2.61 0.87
CA ALA B 142 11.69 -2.59 -0.45
C ALA B 142 13.01 -1.83 -0.46
N THR B 143 13.00 -0.58 0.01
CA THR B 143 14.19 0.26 0.01
C THR B 143 15.35 -0.38 0.77
N ILE B 144 15.03 -1.00 1.91
CA ILE B 144 16.01 -1.74 2.69
C ILE B 144 16.51 -2.94 1.89
N LYS B 145 15.59 -3.60 1.17
CA LYS B 145 15.90 -4.82 0.43
C LYS B 145 16.95 -4.60 -0.64
N SER B 146 16.91 -3.45 -1.29
CA SER B 146 17.90 -3.10 -2.30
C SER B 146 19.28 -2.98 -1.66
N GLU B 147 19.29 -2.80 -0.34
CA GLU B 147 20.52 -2.67 0.44
C GLU B 147 21.42 -1.56 -0.09
N GLU B 148 20.81 -0.56 -0.72
CA GLU B 148 21.55 0.48 -1.42
C GLU B 148 22.24 1.44 -0.45
N TYR B 149 21.55 1.81 0.62
CA TYR B 149 22.12 2.70 1.63
C TYR B 149 23.23 2.00 2.41
N GLN B 150 23.04 0.71 2.65
CA GLN B 150 24.05 -0.09 3.35
C GLN B 150 25.29 -0.26 2.47
N LYS B 151 25.05 -0.68 1.22
CA LYS B 151 26.09 -0.93 0.24
C LYS B 151 27.07 0.25 0.08
N ARG B 152 26.54 1.46 0.25
CA ARG B 152 27.35 2.66 0.09
C ARG B 152 27.98 3.13 1.39
N LEU B 153 27.27 2.94 2.50
CA LEU B 153 27.80 3.35 3.80
C LEU B 153 28.91 2.42 4.30
N LEU B 154 28.99 1.22 3.71
CA LEU B 154 30.01 0.25 4.08
C LEU B 154 31.25 0.40 3.21
N SER B 155 31.04 0.68 1.92
CA SER B 155 32.14 0.96 1.01
C SER B 155 32.91 2.19 1.49
N GLN B 156 32.24 3.04 2.25
CA GLN B 156 32.90 4.18 2.87
C GLN B 156 33.62 3.75 4.14
N GLY B 157 33.10 2.72 4.80
CA GLY B 157 33.75 2.16 5.96
C GLY B 157 33.06 2.42 7.29
N TYR B 158 31.79 2.83 7.23
CA TYR B 158 31.04 3.05 8.46
C TYR B 158 30.52 1.75 9.05
N THR B 159 31.30 1.21 9.98
CA THR B 159 31.05 -0.10 10.59
C THR B 159 29.72 -0.17 11.34
N ASN B 160 29.49 0.78 12.24
CA ASN B 160 28.31 0.73 13.10
C ASN B 160 27.06 1.24 12.39
N ILE B 161 26.54 0.44 11.47
CA ILE B 161 25.29 0.78 10.80
C ILE B 161 24.27 -0.36 10.83
N ASN B 162 23.05 -0.06 11.31
CA ASN B 162 21.95 -1.00 11.22
C ASN B 162 20.86 -0.42 10.33
N ALA B 163 20.11 -1.30 9.64
CA ALA B 163 19.00 -0.88 8.80
C ALA B 163 17.70 -1.54 9.25
N LEU B 164 16.59 -0.83 9.14
CA LEU B 164 15.32 -1.32 9.66
C LEU B 164 14.12 -0.92 8.81
N ALA B 165 13.44 -1.93 8.25
CA ALA B 165 12.21 -1.69 7.50
C ALA B 165 11.08 -1.27 8.43
N THR B 166 10.53 -0.09 8.20
CA THR B 166 9.42 0.42 9.01
C THR B 166 8.24 0.79 8.13
N GLY B 167 7.57 -0.22 7.59
CA GLY B 167 6.49 -0.01 6.65
C GLY B 167 5.35 0.88 7.14
N LEU B 168 4.77 0.49 8.27
CA LEU B 168 3.56 1.13 8.81
C LEU B 168 3.59 2.66 8.87
N PHE B 169 4.78 3.24 8.88
CA PHE B 169 4.92 4.69 8.93
C PHE B 169 4.31 5.38 7.71
N VAL B 170 4.35 4.72 6.56
CA VAL B 170 3.85 5.32 5.31
C VAL B 170 2.32 5.51 5.23
N PRO B 171 1.52 4.46 5.50
CA PRO B 171 0.08 4.70 5.52
C PRO B 171 -0.32 5.65 6.64
N MET B 172 0.44 5.63 7.73
CA MET B 172 0.21 6.52 8.87
C MET B 172 0.37 7.98 8.46
N VAL B 173 1.43 8.28 7.72
CA VAL B 173 1.66 9.62 7.18
C VAL B 173 0.52 9.98 6.24
N GLU B 174 0.17 9.04 5.38
CA GLU B 174 -0.92 9.23 4.42
C GLU B 174 -2.27 9.36 5.11
N GLU B 175 -2.36 8.90 6.36
CA GLU B 175 -3.60 9.05 7.12
C GLU B 175 -3.47 10.14 8.20
N GLY B 176 -2.47 11.00 8.05
CA GLY B 176 -2.35 12.21 8.85
C GLY B 176 -1.94 12.01 10.30
N ILE B 177 -1.42 10.83 10.61
CA ILE B 177 -0.97 10.56 11.98
C ILE B 177 0.47 11.02 12.16
N PHE B 178 0.64 12.13 12.85
CA PHE B 178 1.97 12.72 13.01
C PHE B 178 2.37 12.85 14.48
N GLU B 179 1.39 12.72 15.38
CA GLU B 179 1.65 12.83 16.81
C GLU B 179 0.77 11.86 17.59
N GLY B 180 0.96 11.84 18.90
CA GLY B 180 0.04 11.15 19.79
C GLY B 180 0.40 9.74 20.18
N ASP B 181 -0.48 9.13 20.98
CA ASP B 181 -0.27 7.80 21.53
C ASP B 181 -0.22 6.69 20.48
N PHE B 182 -1.02 6.81 19.43
CA PHE B 182 -1.03 5.80 18.38
C PHE B 182 0.29 5.77 17.61
N LEU B 183 0.77 6.94 17.20
CA LEU B 183 2.07 7.02 16.56
C LEU B 183 3.17 6.55 17.51
N GLN B 184 3.02 6.92 18.79
CA GLN B 184 3.95 6.50 19.82
C GLN B 184 4.00 4.99 19.90
N SER B 185 2.84 4.37 19.72
CA SER B 185 2.71 2.92 19.78
C SER B 185 3.52 2.28 18.66
N ALA B 186 3.50 2.91 17.48
CA ALA B 186 4.21 2.38 16.32
C ALA B 186 5.72 2.43 16.52
N MET B 187 6.20 3.56 17.01
CA MET B 187 7.62 3.74 17.28
C MET B 187 8.12 2.74 18.30
N GLU B 188 7.36 2.58 19.39
CA GLU B 188 7.69 1.60 20.43
C GLU B 188 7.78 0.19 19.85
N TYR B 189 6.80 -0.15 19.02
CA TYR B 189 6.78 -1.45 18.35
C TYR B 189 8.03 -1.66 17.52
N TYR B 190 8.33 -0.69 16.65
CA TYR B 190 9.47 -0.79 15.74
C TYR B 190 10.81 -0.71 16.44
N PHE B 191 10.88 0.07 17.51
CA PHE B 191 12.17 0.36 18.14
C PHE B 191 12.39 -0.33 19.47
N LYS B 192 11.69 -1.43 19.71
CA LYS B 192 11.90 -2.19 20.93
C LYS B 192 13.31 -2.78 20.91
N ASN B 193 13.99 -2.71 22.05
CA ASN B 193 15.36 -3.20 22.18
C ASN B 193 16.27 -2.70 21.05
N ILE B 194 16.12 -1.43 20.70
CA ILE B 194 16.92 -0.84 19.63
C ILE B 194 17.94 0.13 20.21
N THR B 195 19.07 0.27 19.53
CA THR B 195 20.10 1.19 19.97
C THR B 195 19.83 2.60 19.48
N THR B 196 19.96 3.58 20.36
CA THR B 196 19.87 4.96 19.97
C THR B 196 21.07 5.30 19.09
N PRO B 197 20.79 5.73 17.85
CA PRO B 197 21.89 6.01 16.92
C PRO B 197 22.48 7.39 17.14
N ASP B 198 23.51 7.73 16.38
CA ASP B 198 24.02 9.09 16.35
C ASP B 198 23.43 9.80 15.14
N ALA B 199 23.12 9.03 14.10
CA ALA B 199 22.52 9.56 12.90
C ALA B 199 21.34 8.70 12.43
N LEU B 200 20.21 9.33 12.19
CA LEU B 200 19.04 8.61 11.69
C LEU B 200 18.64 9.10 10.32
N ILE B 201 18.70 8.21 9.34
CA ILE B 201 18.40 8.56 7.96
C ILE B 201 16.95 8.23 7.59
N LEU B 202 16.28 9.20 6.98
CA LEU B 202 14.89 9.03 6.56
C LEU B 202 14.84 8.63 5.10
N ALA B 203 15.07 7.34 4.83
CA ALA B 203 15.13 6.86 3.46
C ALA B 203 13.85 7.10 2.66
N CYS B 204 12.71 6.74 3.24
CA CYS B 204 11.43 6.99 2.56
C CYS B 204 11.13 8.48 2.55
N THR B 205 10.40 8.92 1.53
CA THR B 205 10.16 10.34 1.31
C THR B 205 9.00 10.87 2.16
N HIS B 206 8.23 9.97 2.73
CA HIS B 206 7.09 10.35 3.56
C HIS B 206 7.52 10.60 5.00
N PHE B 207 8.66 10.01 5.36
CA PHE B 207 9.16 10.05 6.74
C PHE B 207 9.45 11.42 7.37
N PRO B 208 9.91 12.42 6.57
CA PRO B 208 10.12 13.75 7.16
C PRO B 208 8.88 14.35 7.85
N LEU B 209 7.69 13.84 7.55
CA LEU B 209 6.47 14.33 8.16
C LEU B 209 6.37 13.91 9.63
N LEU B 210 7.24 12.99 10.04
CA LEU B 210 7.22 12.44 11.39
C LEU B 210 8.45 12.87 12.18
N GLY B 211 9.22 13.81 11.62
CA GLY B 211 10.49 14.21 12.19
C GLY B 211 10.41 14.74 13.60
N ARG B 212 9.34 15.48 13.90
CA ARG B 212 9.15 16.06 15.22
C ARG B 212 8.95 15.00 16.29
N SER B 213 8.20 13.96 15.95
CA SER B 213 7.90 12.90 16.89
C SER B 213 9.08 11.94 17.05
N LEU B 214 9.92 11.86 16.03
CA LEU B 214 11.05 10.92 16.05
C LEU B 214 12.20 11.41 16.94
N SER B 215 12.59 12.66 16.78
CA SER B 215 13.67 13.23 17.58
C SER B 215 13.27 13.40 19.04
N LYS B 216 12.00 13.75 19.26
CA LYS B 216 11.44 13.82 20.60
C LYS B 216 11.52 12.45 21.28
N TYR B 217 11.29 11.41 20.48
CA TYR B 217 11.33 10.04 20.97
C TYR B 217 12.74 9.57 21.26
N PHE B 218 13.63 9.85 20.32
CA PHE B 218 14.98 9.30 20.31
C PHE B 218 15.97 10.11 21.14
N GLY B 219 15.66 11.38 21.34
CA GLY B 219 16.59 12.29 22.00
C GLY B 219 17.32 13.09 20.94
N ASP B 220 17.93 14.21 21.34
CA ASP B 220 18.65 15.05 20.40
C ASP B 220 20.05 14.53 20.14
N LYS B 221 20.43 13.49 20.87
CA LYS B 221 21.69 12.81 20.61
C LYS B 221 21.78 12.43 19.15
N THR B 222 20.74 11.76 18.68
CA THR B 222 20.63 11.39 17.27
C THR B 222 20.06 12.56 16.49
N LYS B 223 20.63 12.82 15.32
CA LYS B 223 20.13 13.87 14.46
C LYS B 223 19.64 13.28 13.15
N LEU B 224 18.45 13.70 12.74
CA LEU B 224 17.79 13.11 11.58
C LEU B 224 18.37 13.66 10.29
N ILE B 225 18.71 12.76 9.36
CA ILE B 225 19.15 13.22 8.05
C ILE B 225 17.94 13.38 7.15
N HIS B 226 17.51 14.62 6.99
CA HIS B 226 16.41 14.95 6.11
C HIS B 226 16.89 14.80 4.67
N SER B 227 16.07 14.18 3.84
CA SER B 227 16.49 13.86 2.47
C SER B 227 16.57 15.08 1.55
N GLY B 228 15.60 15.97 1.67
CA GLY B 228 15.57 17.18 0.86
C GLY B 228 16.68 18.16 1.21
N ASP B 229 16.88 18.35 2.51
CA ASP B 229 17.96 19.20 3.00
C ASP B 229 19.32 18.67 2.54
N ALA B 230 19.38 17.36 2.32
CA ALA B 230 20.60 16.71 1.86
C ALA B 230 20.78 16.86 0.35
N ILE B 231 19.70 16.75 -0.40
CA ILE B 231 19.80 16.88 -1.86
C ILE B 231 20.13 18.31 -2.27
N VAL B 232 19.65 19.28 -1.48
CA VAL B 232 19.98 20.68 -1.72
C VAL B 232 21.49 20.88 -1.66
N GLU B 233 22.10 20.29 -0.63
CA GLU B 233 23.54 20.37 -0.42
C GLU B 233 24.31 19.54 -1.43
N PHE B 234 23.70 18.45 -1.90
CA PHE B 234 24.31 17.64 -2.95
C PHE B 234 24.44 18.45 -4.23
N LEU B 235 23.44 19.27 -4.52
CA LEU B 235 23.42 20.07 -5.74
C LEU B 235 24.45 21.20 -5.73
N LYS B 236 24.51 21.91 -4.61
CA LYS B 236 25.39 23.07 -4.46
C LYS B 236 26.86 22.70 -4.69
N GLU B 237 27.23 21.50 -4.28
CA GLU B 237 28.59 21.00 -4.50
C GLU B 237 28.86 20.74 -5.98
N ARG B 238 27.84 20.32 -6.71
CA ARG B 238 28.01 19.90 -8.09
C ARG B 238 27.49 20.90 -9.13
N GLU B 239 26.61 21.80 -8.72
CA GLU B 239 25.98 22.72 -9.66
C GLU B 239 26.19 24.19 -9.31
N ASN B 240 26.12 25.03 -10.33
CA ASN B 240 26.16 26.47 -10.13
C ASN B 240 24.77 26.99 -9.78
N ILE B 241 24.62 27.41 -8.54
CA ILE B 241 23.31 27.81 -8.03
C ILE B 241 23.33 29.23 -7.46
N ASP B 242 22.39 30.05 -7.92
CA ASP B 242 22.25 31.41 -7.41
C ASP B 242 20.97 31.55 -6.61
N LEU B 243 21.06 32.12 -5.42
CA LEU B 243 19.89 32.46 -4.62
C LEU B 243 19.01 33.43 -5.40
N LYS B 244 17.72 33.15 -5.45
CA LYS B 244 16.80 34.01 -6.18
C LYS B 244 15.78 34.59 -5.21
N ASN B 245 15.61 35.90 -5.26
CA ASN B 245 14.68 36.59 -4.37
C ASN B 245 13.23 36.20 -4.61
N HIS B 246 12.85 36.06 -5.87
CA HIS B 246 11.49 35.66 -6.19
C HIS B 246 11.31 34.18 -5.89
N LYS B 247 10.13 33.82 -5.40
CA LYS B 247 9.82 32.41 -5.17
C LYS B 247 9.64 31.68 -6.50
N ALA B 248 10.09 30.44 -6.54
CA ALA B 248 9.99 29.63 -7.75
C ALA B 248 8.54 29.40 -8.17
N LYS B 249 8.29 29.33 -9.47
CA LYS B 249 6.97 28.99 -9.99
C LYS B 249 6.76 27.48 -9.86
N LEU B 250 5.54 27.07 -9.57
CA LEU B 250 5.27 25.66 -9.27
C LEU B 250 4.26 25.00 -10.21
N HIS B 251 4.61 23.81 -10.70
CA HIS B 251 3.71 23.04 -11.56
C HIS B 251 3.51 21.63 -10.98
N PHE B 252 2.29 21.12 -11.09
CA PHE B 252 1.94 19.84 -10.47
C PHE B 252 1.27 18.90 -11.47
N TYR B 253 1.87 17.73 -11.67
CA TYR B 253 1.34 16.77 -12.64
C TYR B 253 1.30 15.36 -12.06
N ALA B 254 0.32 14.57 -12.51
CA ALA B 254 0.17 13.21 -12.02
C ALA B 254 -0.33 12.26 -13.10
N SER B 255 -0.09 10.97 -12.90
CA SER B 255 -0.62 9.93 -13.75
C SER B 255 -2.12 9.83 -13.50
N SER B 256 -2.50 9.92 -12.23
CA SER B 256 -3.89 9.86 -11.82
C SER B 256 -4.15 10.81 -10.66
N ASP B 257 -5.31 11.46 -10.66
CA ASP B 257 -5.73 12.29 -9.53
C ASP B 257 -4.73 13.40 -9.23
N VAL B 258 -4.60 14.35 -10.14
CA VAL B 258 -3.69 15.48 -9.97
C VAL B 258 -4.09 16.35 -8.78
N GLU B 259 -5.40 16.55 -8.61
CA GLU B 259 -5.92 17.52 -7.65
C GLU B 259 -5.77 17.12 -6.18
N SER B 260 -5.75 15.82 -5.89
CA SER B 260 -5.53 15.37 -4.51
C SER B 260 -4.11 15.70 -4.08
N LEU B 261 -3.16 15.51 -4.99
CA LEU B 261 -1.76 15.80 -4.73
C LEU B 261 -1.58 17.27 -4.36
N LYS B 262 -2.20 18.14 -5.13
CA LYS B 262 -2.15 19.58 -4.89
C LYS B 262 -2.61 19.91 -3.48
N ASN B 263 -3.66 19.25 -3.03
CA ASN B 263 -4.17 19.45 -1.67
C ASN B 263 -3.13 19.06 -0.62
N THR B 264 -2.56 17.86 -0.76
CA THR B 264 -1.53 17.38 0.16
C THR B 264 -0.27 18.24 0.05
N ALA B 265 -0.04 18.79 -1.13
CA ALA B 265 1.09 19.68 -1.34
C ALA B 265 0.89 20.97 -0.56
N LYS B 266 -0.27 21.60 -0.77
CA LYS B 266 -0.65 22.79 -0.03
C LYS B 266 -0.58 22.57 1.47
N ILE B 267 -0.98 21.38 1.90
CA ILE B 267 -0.98 21.02 3.32
C ILE B 267 0.44 20.92 3.89
N TRP B 268 1.27 20.08 3.27
CA TRP B 268 2.64 19.87 3.74
C TRP B 268 3.44 21.15 3.71
N LEU B 269 3.21 21.95 2.68
CA LEU B 269 4.02 23.14 2.44
C LEU B 269 3.58 24.31 3.32
N ASN B 270 2.29 24.38 3.61
CA ASN B 270 1.76 25.45 4.46
C ASN B 270 2.13 25.26 5.93
#